data_6FMG
#
_entry.id   6FMG
#
_cell.length_a   138.528
_cell.length_b   138.528
_cell.length_c   69.767
_cell.angle_alpha   90.000
_cell.angle_beta   90.000
_cell.angle_gamma   120.000
#
_symmetry.space_group_name_H-M   'P 63'
#
loop_
_entity.id
_entity.type
_entity.pdbx_description
1 polymer 'PTS system mannose-specific transporter subunit IIAB'
2 water water
#
_entity_poly.entity_id   1
_entity_poly.type   'polypeptide(L)'
_entity_poly.pdbx_seq_one_letter_code
;MGSIGIIIASHGEFAAGIHQSGSMIFGEQEKVQVVTFMPNEGPDDLYAKFNNAVAAFDAEDEVLVLADLWSGSPFNQASR
VMGENPERKFAIITGLNLPMLIQAYTERLMDAAAGVEKVAANIIKEAKDGIKALPEELNP
;
_entity_poly.pdbx_strand_id   A,B,C,D
#
# COMPACT_ATOMS: atom_id res chain seq x y z
N MET A 1 -22.55 -0.97 -3.27
CA MET A 1 -22.18 -1.93 -2.18
C MET A 1 -21.38 -1.21 -1.07
N GLY A 2 -21.14 -1.91 0.03
CA GLY A 2 -20.40 -1.34 1.12
C GLY A 2 -18.89 -1.55 0.97
N SER A 3 -18.12 -0.70 1.65
CA SER A 3 -16.67 -0.84 1.79
C SER A 3 -16.30 -0.70 3.27
N ILE A 4 -15.00 -0.75 3.58
CA ILE A 4 -14.54 -0.73 4.97
C ILE A 4 -14.28 0.71 5.42
N GLY A 5 -14.93 1.13 6.49
CA GLY A 5 -14.54 2.35 7.21
C GLY A 5 -13.59 2.01 8.35
N ILE A 6 -12.48 2.75 8.44
CA ILE A 6 -11.42 2.51 9.44
C ILE A 6 -11.55 3.52 10.57
N ILE A 7 -11.53 3.05 11.82
CA ILE A 7 -11.40 3.92 12.98
C ILE A 7 -10.05 3.64 13.65
N ILE A 8 -9.22 4.67 13.73
CA ILE A 8 -7.95 4.63 14.46
C ILE A 8 -8.19 5.17 15.87
N ALA A 9 -7.85 4.37 16.90
CA ALA A 9 -8.25 4.68 18.27
C ALA A 9 -7.10 4.50 19.26
N SER A 10 -6.95 5.47 20.16
CA SER A 10 -5.83 5.43 21.10
C SER A 10 -6.12 6.25 22.37
N HIS A 11 -5.36 5.90 23.42
CA HIS A 11 -5.08 6.85 24.49
C HIS A 11 -4.27 8.02 23.94
N GLY A 12 -4.68 9.23 24.27
CA GLY A 12 -3.91 10.39 23.87
C GLY A 12 -3.89 10.58 22.35
N GLU A 13 -2.92 11.37 21.89
CA GLU A 13 -2.91 11.83 20.50
C GLU A 13 -2.23 10.84 19.54
N PHE A 14 -1.76 9.69 20.03
CA PHE A 14 -1.18 8.64 19.18
C PHE A 14 -1.98 8.48 17.88
N ALA A 15 -3.31 8.31 17.97
CA ALA A 15 -4.11 7.98 16.79
C ALA A 15 -4.07 9.10 15.76
N ALA A 16 -4.09 10.36 16.20
CA ALA A 16 -4.00 11.48 15.25
C ALA A 16 -2.61 11.55 14.62
N GLY A 17 -1.58 11.27 15.40
CA GLY A 17 -0.22 11.33 14.88
C GLY A 17 0.06 10.26 13.84
N ILE A 18 -0.39 9.02 14.07
CA ILE A 18 -0.12 7.97 13.08
C ILE A 18 -1.02 8.14 11.87
N HIS A 19 -2.19 8.76 12.03
CA HIS A 19 -2.96 9.16 10.86
C HIS A 19 -2.14 10.12 9.98
N GLN A 20 -1.40 11.05 10.60
CA GLN A 20 -0.54 11.93 9.81
C GLN A 20 0.58 11.17 9.15
N SER A 21 1.23 10.23 9.85
CA SER A 21 2.23 9.37 9.23
C SER A 21 1.68 8.70 7.99
N GLY A 22 0.49 8.13 8.10
CA GLY A 22 -0.15 7.49 6.97
C GLY A 22 -0.37 8.42 5.80
N SER A 23 -0.75 9.68 6.06
CA SER A 23 -1.01 10.59 4.95
C SER A 23 0.29 11.01 4.24
N MET A 24 1.42 11.01 4.95
CA MET A 24 2.72 11.32 4.34
C MET A 24 3.21 10.21 3.41
N ILE A 25 2.74 8.99 3.60
CA ILE A 25 3.20 7.82 2.85
C ILE A 25 2.16 7.29 1.88
N PHE A 26 0.86 7.52 2.15
CA PHE A 26 -0.23 6.88 1.42
C PHE A 26 -1.29 7.89 1.01
N GLY A 27 -0.97 9.18 1.03
CA GLY A 27 -1.92 10.15 0.55
C GLY A 27 -3.18 10.27 1.41
N GLU A 28 -4.18 10.94 0.84
CA GLU A 28 -5.47 11.08 1.51
C GLU A 28 -6.29 9.80 1.37
N GLN A 29 -6.85 9.34 2.49
CA GLN A 29 -7.62 8.11 2.53
C GLN A 29 -9.04 8.47 2.95
N GLU A 30 -10.01 7.97 2.18
CA GLU A 30 -11.43 8.17 2.47
C GLU A 30 -11.88 7.23 3.60
N LYS A 31 -12.95 7.62 4.29
CA LYS A 31 -13.60 6.77 5.30
C LYS A 31 -12.59 6.30 6.35
N VAL A 32 -11.88 7.26 6.93
CA VAL A 32 -10.99 7.03 8.08
C VAL A 32 -11.35 8.05 9.14
N GLN A 33 -11.70 7.57 10.35
CA GLN A 33 -12.02 8.40 11.50
C GLN A 33 -10.97 8.22 12.58
N VAL A 34 -10.66 9.30 13.32
CA VAL A 34 -9.69 9.28 14.41
C VAL A 34 -10.44 9.46 15.74
N VAL A 35 -10.15 8.59 16.70
CA VAL A 35 -10.73 8.64 18.05
C VAL A 35 -9.56 8.69 19.04
N THR A 36 -9.42 9.82 19.71
CA THR A 36 -8.43 9.97 20.78
C THR A 36 -9.13 10.03 22.13
N PHE A 37 -8.42 9.60 23.17
CA PHE A 37 -8.96 9.53 24.53
C PHE A 37 -7.97 10.30 25.39
N MET A 38 -8.35 11.51 25.77
CA MET A 38 -7.43 12.47 26.36
C MET A 38 -7.48 12.44 27.89
N PRO A 39 -6.43 12.92 28.56
CA PRO A 39 -6.41 12.84 30.04
C PRO A 39 -7.65 13.41 30.72
N ASN A 40 -8.34 14.38 30.12
CA ASN A 40 -9.52 14.98 30.77
C ASN A 40 -10.83 14.55 30.12
N GLU A 41 -11.00 13.24 29.90
CA GLU A 41 -12.20 12.67 29.31
C GLU A 41 -12.52 11.37 30.02
N GLY A 42 -13.80 10.99 29.99
CA GLY A 42 -14.23 9.74 30.57
C GLY A 42 -14.85 8.80 29.57
N PRO A 43 -15.23 7.60 30.05
CA PRO A 43 -15.74 6.54 29.14
C PRO A 43 -16.97 6.92 28.34
N ASP A 44 -17.84 7.78 28.88
CA ASP A 44 -19.05 8.15 28.18
C ASP A 44 -18.74 9.11 27.03
N ASP A 45 -17.81 10.04 27.25
CA ASP A 45 -17.26 10.83 26.16
C ASP A 45 -16.71 9.95 25.05
N LEU A 46 -15.96 8.92 25.43
CA LEU A 46 -15.31 8.03 24.47
C LEU A 46 -16.34 7.26 23.66
N TYR A 47 -17.34 6.69 24.36
CA TYR A 47 -18.45 5.98 23.72
C TYR A 47 -19.12 6.85 22.67
N ALA A 48 -19.30 8.15 22.96
CA ALA A 48 -19.92 9.05 21.99
C ALA A 48 -19.02 9.26 20.77
N LYS A 49 -17.71 9.37 20.99
CA LYS A 49 -16.79 9.52 19.87
C LYS A 49 -16.88 8.32 18.93
N PHE A 50 -16.99 7.09 19.48
CA PHE A 50 -17.10 5.91 18.63
C PHE A 50 -18.43 5.89 17.87
N ASN A 51 -19.53 6.27 18.53
CA ASN A 51 -20.80 6.29 17.84
C ASN A 51 -20.81 7.35 16.72
N ASN A 52 -20.21 8.50 16.98
CA ASN A 52 -20.12 9.53 15.95
C ASN A 52 -19.23 9.08 14.80
N ALA A 53 -18.11 8.43 15.11
CA ALA A 53 -17.24 7.95 14.03
C ALA A 53 -17.96 6.95 13.15
N VAL A 54 -18.70 6.01 13.75
CA VAL A 54 -19.44 5.02 12.96
C VAL A 54 -20.52 5.70 12.12
N ALA A 55 -21.11 6.78 12.63
CA ALA A 55 -22.16 7.48 11.89
C ALA A 55 -21.61 8.24 10.69
N ALA A 56 -20.29 8.49 10.65
CA ALA A 56 -19.70 9.14 9.51
C ALA A 56 -19.62 8.23 8.29
N PHE A 57 -19.74 6.91 8.47
CA PHE A 57 -19.71 5.99 7.35
C PHE A 57 -21.12 5.79 6.81
N ASP A 58 -21.22 5.08 5.70
CA ASP A 58 -22.52 4.71 5.16
C ASP A 58 -23.08 3.50 5.88
N ALA A 59 -24.41 3.36 5.82
CA ALA A 59 -25.09 2.32 6.59
C ALA A 59 -24.63 0.93 6.19
N GLU A 60 -24.25 0.73 4.93
CA GLU A 60 -23.82 -0.59 4.53
C GLU A 60 -22.33 -0.84 4.74
N ASP A 61 -21.57 0.14 5.24
CA ASP A 61 -20.13 -0.05 5.39
C ASP A 61 -19.83 -0.98 6.57
N GLU A 62 -18.74 -1.73 6.46
CA GLU A 62 -18.22 -2.50 7.58
C GLU A 62 -17.19 -1.63 8.32
N VAL A 63 -16.94 -1.96 9.60
CA VAL A 63 -16.12 -1.13 10.47
C VAL A 63 -14.92 -1.94 10.94
N LEU A 64 -13.71 -1.38 10.74
CA LEU A 64 -12.46 -1.95 11.20
C LEU A 64 -11.82 -0.97 12.18
N VAL A 65 -11.72 -1.36 13.45
CA VAL A 65 -11.12 -0.53 14.49
C VAL A 65 -9.68 -0.99 14.66
N LEU A 66 -8.74 -0.06 14.52
CA LEU A 66 -7.34 -0.33 14.81
C LEU A 66 -7.02 0.41 16.11
N ALA A 67 -6.83 -0.34 17.19
CA ALA A 67 -6.73 0.20 18.54
C ALA A 67 -5.33 0.07 19.12
N ASP A 68 -4.99 0.97 20.05
CA ASP A 68 -3.62 0.96 20.55
C ASP A 68 -3.31 -0.31 21.38
N LEU A 69 -4.24 -0.74 22.25
CA LEU A 69 -3.92 -1.68 23.32
C LEU A 69 -5.10 -2.58 23.67
N TRP A 70 -4.84 -3.88 23.73
CA TRP A 70 -5.82 -4.87 24.15
C TRP A 70 -6.31 -4.59 25.58
N SER A 71 -7.63 -4.62 25.76
CA SER A 71 -8.32 -4.40 27.03
C SER A 71 -8.16 -2.99 27.59
N GLY A 72 -7.61 -2.04 26.80
CA GLY A 72 -7.65 -0.64 27.18
C GLY A 72 -9.05 -0.05 27.00
N SER A 73 -9.26 1.15 27.56
CA SER A 73 -10.55 1.81 27.43
C SER A 73 -10.97 2.07 25.98
N PRO A 74 -10.10 2.55 25.09
CA PRO A 74 -10.50 2.61 23.67
C PRO A 74 -11.00 1.27 23.15
N PHE A 75 -10.26 0.20 23.43
CA PHE A 75 -10.67 -1.14 23.03
C PHE A 75 -12.00 -1.53 23.69
N ASN A 76 -12.19 -1.21 24.96
CA ASN A 76 -13.41 -1.64 25.64
C ASN A 76 -14.64 -0.94 25.08
N GLN A 77 -14.55 0.36 24.84
CA GLN A 77 -15.70 1.06 24.27
C GLN A 77 -15.95 0.65 22.83
N ALA A 78 -14.89 0.36 22.05
CA ALA A 78 -15.10 -0.22 20.72
C ALA A 78 -15.85 -1.53 20.81
N SER A 79 -15.46 -2.41 21.75
CA SER A 79 -16.13 -3.69 21.87
C SER A 79 -17.60 -3.49 22.20
N ARG A 80 -17.89 -2.52 23.06
CA ARG A 80 -19.27 -2.23 23.44
C ARG A 80 -20.09 -1.81 22.23
N VAL A 81 -19.55 -0.87 21.43
CA VAL A 81 -20.26 -0.40 20.25
C VAL A 81 -20.46 -1.54 19.26
N MET A 82 -19.44 -2.38 19.10
CA MET A 82 -19.59 -3.57 18.26
C MET A 82 -20.76 -4.44 18.71
N GLY A 83 -20.88 -4.70 20.01
CA GLY A 83 -21.96 -5.54 20.50
C GLY A 83 -23.33 -4.89 20.42
N GLU A 84 -23.38 -3.56 20.42
CA GLU A 84 -24.63 -2.83 20.28
C GLU A 84 -25.10 -2.67 18.84
N ASN A 85 -24.24 -2.92 17.85
CA ASN A 85 -24.60 -2.83 16.43
C ASN A 85 -24.41 -4.19 15.78
N PRO A 86 -25.21 -5.18 16.16
CA PRO A 86 -24.96 -6.55 15.68
C PRO A 86 -25.35 -6.77 14.23
N GLU A 87 -26.07 -5.84 13.61
CA GLU A 87 -26.37 -5.91 12.18
C GLU A 87 -25.24 -5.36 11.30
N ARG A 88 -24.16 -4.87 11.89
CA ARG A 88 -22.98 -4.36 11.21
C ARG A 88 -21.80 -5.32 11.37
N LYS A 89 -21.06 -5.56 10.30
CA LYS A 89 -19.84 -6.35 10.42
C LYS A 89 -18.76 -5.47 11.04
N PHE A 90 -18.06 -6.00 12.05
CA PHE A 90 -17.11 -5.25 12.86
C PHE A 90 -15.88 -6.13 13.07
N ALA A 91 -14.69 -5.54 13.09
CA ALA A 91 -13.52 -6.22 13.63
C ALA A 91 -12.64 -5.22 14.37
N ILE A 92 -11.96 -5.69 15.41
CA ILE A 92 -11.04 -4.89 16.21
C ILE A 92 -9.69 -5.58 16.19
N ILE A 93 -8.64 -4.81 15.87
CA ILE A 93 -7.26 -5.30 15.91
C ILE A 93 -6.47 -4.34 16.82
N THR A 94 -5.78 -4.90 17.82
CA THR A 94 -5.02 -4.10 18.77
C THR A 94 -3.54 -4.13 18.41
N GLY A 95 -2.73 -3.38 19.16
CA GLY A 95 -1.32 -3.30 18.83
C GLY A 95 -1.02 -2.42 17.62
N LEU A 96 -1.93 -1.49 17.31
CA LEU A 96 -1.81 -0.49 16.26
C LEU A 96 -0.36 -0.07 15.99
N ASN A 97 0.10 -0.25 14.76
CA ASN A 97 1.41 0.23 14.28
C ASN A 97 1.28 0.64 12.80
N LEU A 98 2.37 1.22 12.26
CA LEU A 98 2.22 1.84 10.94
C LEU A 98 2.18 0.74 9.86
N PRO A 99 2.93 -0.36 9.97
CA PRO A 99 2.67 -1.48 9.03
C PRO A 99 1.22 -1.91 9.00
N MET A 100 0.56 -2.00 10.18
CA MET A 100 -0.86 -2.39 10.22
C MET A 100 -1.71 -1.43 9.41
N LEU A 101 -1.50 -0.13 9.59
CA LEU A 101 -2.34 0.86 8.93
C LEU A 101 -2.11 0.84 7.41
N ILE A 102 -0.83 0.78 7.00
CA ILE A 102 -0.48 0.66 5.58
C ILE A 102 -1.19 -0.53 4.95
N GLN A 103 -1.14 -1.70 5.60
CA GLN A 103 -1.75 -2.87 4.99
C GLN A 103 -3.27 -2.71 4.92
N ALA A 104 -3.87 -2.09 5.95
CA ALA A 104 -5.32 -1.87 5.91
C ALA A 104 -5.70 -0.99 4.72
N TYR A 105 -4.94 0.08 4.48
CA TYR A 105 -5.17 0.91 3.29
C TYR A 105 -5.00 0.10 2.00
N THR A 106 -3.95 -0.74 1.92
CA THR A 106 -3.71 -1.55 0.72
C THR A 106 -4.86 -2.52 0.48
N GLU A 107 -5.39 -3.12 1.56
CA GLU A 107 -6.44 -4.12 1.40
C GLU A 107 -7.68 -3.52 0.75
N ARG A 108 -8.04 -2.29 1.14
CA ARG A 108 -9.23 -1.65 0.60
C ARG A 108 -9.06 -1.29 -0.86
N LEU A 109 -7.84 -0.91 -1.27
CA LEU A 109 -7.57 -0.60 -2.67
C LEU A 109 -7.66 -1.84 -3.56
N MET A 110 -7.15 -2.97 -3.08
CA MET A 110 -7.11 -4.20 -3.88
C MET A 110 -8.49 -4.78 -4.12
N ASP A 111 -9.41 -4.68 -3.15
CA ASP A 111 -10.66 -5.43 -3.23
C ASP A 111 -11.69 -4.80 -2.28
N ALA A 112 -12.49 -3.87 -2.80
CA ALA A 112 -13.50 -3.21 -1.99
C ALA A 112 -14.61 -4.17 -1.56
N ALA A 113 -14.66 -5.38 -2.12
CA ALA A 113 -15.70 -6.31 -1.69
C ALA A 113 -15.25 -7.22 -0.56
N ALA A 114 -13.97 -7.18 -0.19
CA ALA A 114 -13.48 -7.99 0.92
C ALA A 114 -13.94 -7.36 2.21
N GLY A 115 -14.58 -8.15 3.07
CA GLY A 115 -15.06 -7.65 4.33
C GLY A 115 -13.99 -7.70 5.42
N VAL A 116 -14.31 -7.07 6.57
CA VAL A 116 -13.34 -6.96 7.66
C VAL A 116 -12.90 -8.32 8.15
N GLU A 117 -13.79 -9.33 8.09
CA GLU A 117 -13.40 -10.68 8.50
C GLU A 117 -12.46 -11.34 7.52
N LYS A 118 -12.48 -10.92 6.26
CA LYS A 118 -11.58 -11.51 5.27
C LYS A 118 -10.21 -10.84 5.28
N VAL A 119 -10.15 -9.51 5.47
CA VAL A 119 -8.88 -8.79 5.35
C VAL A 119 -8.04 -8.86 6.64
N ALA A 120 -8.65 -9.23 7.76
CA ALA A 120 -7.96 -9.13 9.05
C ALA A 120 -6.68 -9.96 9.08
N ALA A 121 -6.67 -11.17 8.48
CA ALA A 121 -5.52 -12.03 8.68
C ALA A 121 -4.26 -11.44 8.06
N ASN A 122 -4.37 -10.89 6.85
CA ASN A 122 -3.17 -10.31 6.26
C ASN A 122 -2.77 -9.00 6.94
N ILE A 123 -3.73 -8.23 7.47
CA ILE A 123 -3.39 -7.01 8.21
C ILE A 123 -2.59 -7.37 9.47
N ILE A 124 -3.08 -8.36 10.21
CA ILE A 124 -2.35 -8.85 11.41
C ILE A 124 -0.97 -9.37 11.04
N LYS A 125 -0.88 -10.15 9.94
CA LYS A 125 0.41 -10.71 9.54
C LYS A 125 1.43 -9.61 9.24
N GLU A 126 1.05 -8.62 8.44
CA GLU A 126 2.00 -7.56 8.11
C GLU A 126 2.33 -6.70 9.33
N ALA A 127 1.37 -6.48 10.23
CA ALA A 127 1.64 -5.71 11.45
C ALA A 127 2.72 -6.38 12.30
N LYS A 128 2.65 -7.70 12.43
CA LYS A 128 3.66 -8.44 13.18
C LYS A 128 4.98 -8.52 12.43
N ASP A 129 4.93 -8.85 11.11
CA ASP A 129 6.14 -9.02 10.31
C ASP A 129 6.94 -7.72 10.23
N GLY A 130 6.29 -6.58 10.42
CA GLY A 130 6.95 -5.29 10.31
C GLY A 130 7.78 -4.93 11.52
N ILE A 131 7.68 -5.74 12.56
CA ILE A 131 8.44 -5.58 13.79
C ILE A 131 9.70 -6.41 13.64
N LYS A 132 10.85 -5.72 13.51
CA LYS A 132 12.16 -6.30 13.19
C LYS A 132 13.22 -5.43 13.85
N ALA A 133 14.45 -5.96 13.96
CA ALA A 133 15.51 -5.21 14.62
C ALA A 133 16.80 -5.16 13.84
N LEU A 134 17.56 -4.12 14.10
CA LEU A 134 18.99 -4.03 13.82
C LEU A 134 19.75 -3.95 15.14
N PRO A 135 20.86 -4.67 15.29
CA PRO A 135 21.51 -5.57 14.35
C PRO A 135 20.66 -6.79 13.99
N GLU A 136 20.90 -7.34 12.81
CA GLU A 136 20.02 -8.36 12.24
C GLU A 136 20.07 -9.65 13.03
N GLU A 137 21.10 -9.85 13.86
CA GLU A 137 21.21 -11.06 14.66
C GLU A 137 20.10 -11.17 15.70
N LEU A 138 19.34 -10.10 15.94
CA LEU A 138 18.18 -10.18 16.83
C LEU A 138 16.94 -10.71 16.13
N ASN A 139 17.00 -10.93 14.82
CA ASN A 139 15.89 -11.40 14.00
C ASN A 139 15.98 -12.90 13.76
N PRO A 140 14.85 -13.56 13.42
CA PRO A 140 14.79 -15.02 13.33
C PRO A 140 15.49 -15.60 12.10
N MET B 1 -26.37 -8.08 -35.50
CA MET B 1 -27.02 -6.94 -34.87
C MET B 1 -26.03 -5.99 -34.18
N GLY B 2 -25.82 -6.17 -32.87
CA GLY B 2 -24.95 -5.29 -32.11
C GLY B 2 -23.51 -5.83 -31.96
N SER B 3 -22.62 -4.95 -31.51
CA SER B 3 -21.26 -5.38 -31.20
C SER B 3 -20.91 -4.93 -29.77
N ILE B 4 -19.64 -5.02 -29.40
CA ILE B 4 -19.17 -4.65 -28.06
C ILE B 4 -18.55 -3.26 -28.13
N GLY B 5 -19.07 -2.34 -27.31
CA GLY B 5 -18.39 -1.08 -27.04
C GLY B 5 -17.53 -1.22 -25.79
N ILE B 6 -16.29 -0.77 -25.87
CA ILE B 6 -15.31 -0.90 -24.78
C ILE B 6 -15.17 0.44 -24.09
N ILE B 7 -15.23 0.44 -22.75
CA ILE B 7 -14.91 1.63 -21.96
C ILE B 7 -13.67 1.32 -21.14
N ILE B 8 -12.61 2.10 -21.32
CA ILE B 8 -11.37 2.00 -20.54
C ILE B 8 -11.44 3.05 -19.44
N ALA B 9 -11.42 2.63 -18.16
CA ALA B 9 -11.70 3.51 -17.03
C ALA B 9 -10.62 3.44 -15.95
N SER B 10 -10.20 4.61 -15.43
CA SER B 10 -9.22 4.62 -14.35
C SER B 10 -9.30 5.89 -13.50
N HIS B 11 -8.73 5.79 -12.29
CA HIS B 11 -8.17 6.95 -11.62
C HIS B 11 -7.02 7.50 -12.44
N GLY B 12 -6.98 8.79 -12.65
CA GLY B 12 -5.81 9.42 -13.25
C GLY B 12 -5.60 9.06 -14.73
N GLU B 13 -4.39 9.31 -15.21
CA GLU B 13 -4.11 9.27 -16.64
C GLU B 13 -3.79 7.88 -17.19
N PHE B 14 -3.82 6.86 -16.35
CA PHE B 14 -3.65 5.45 -16.78
C PHE B 14 -4.49 5.13 -18.02
N ALA B 15 -5.82 5.36 -17.97
CA ALA B 15 -6.68 4.87 -19.05
C ALA B 15 -6.33 5.53 -20.39
N ALA B 16 -6.09 6.83 -20.40
CA ALA B 16 -5.70 7.50 -21.63
C ALA B 16 -4.35 6.99 -22.14
N GLY B 17 -3.42 6.71 -21.23
CA GLY B 17 -2.09 6.27 -21.63
C GLY B 17 -2.10 4.89 -22.24
N ILE B 18 -2.85 3.96 -21.65
CA ILE B 18 -2.90 2.61 -22.22
C ILE B 18 -3.73 2.59 -23.49
N HIS B 19 -4.72 3.48 -23.61
CA HIS B 19 -5.39 3.62 -24.90
C HIS B 19 -4.41 4.04 -25.99
N GLN B 20 -3.51 4.98 -25.70
CA GLN B 20 -2.53 5.39 -26.70
C GLN B 20 -1.61 4.23 -27.06
N SER B 21 -1.19 3.44 -26.06
CA SER B 21 -0.35 2.27 -26.35
C SER B 21 -1.07 1.28 -27.25
N GLY B 22 -2.35 1.04 -27.00
CA GLY B 22 -3.15 0.15 -27.85
C GLY B 22 -3.24 0.61 -29.29
N SER B 23 -3.36 1.93 -29.50
CA SER B 23 -3.41 2.45 -30.85
C SER B 23 -2.05 2.33 -31.55
N MET B 24 -0.97 2.41 -30.79
CA MET B 24 0.38 2.26 -31.36
C MET B 24 0.64 0.84 -31.83
N ILE B 25 0.30 -0.15 -31.01
CA ILE B 25 0.68 -1.51 -31.34
C ILE B 25 -0.42 -2.31 -32.02
N PHE B 26 -1.68 -1.91 -31.88
CA PHE B 26 -2.79 -2.65 -32.49
C PHE B 26 -3.46 -1.90 -33.61
N GLY B 27 -3.45 -0.58 -33.60
CA GLY B 27 -4.09 0.23 -34.62
C GLY B 27 -5.33 0.92 -34.08
N GLU B 28 -5.95 1.70 -34.96
CA GLU B 28 -7.16 2.43 -34.61
C GLU B 28 -8.31 1.45 -34.36
N GLN B 29 -9.15 1.76 -33.38
CA GLN B 29 -10.28 0.93 -33.00
C GLN B 29 -11.52 1.80 -32.90
N GLU B 30 -12.64 1.32 -33.45
CA GLU B 30 -13.93 1.98 -33.27
C GLU B 30 -14.63 1.47 -32.00
N LYS B 31 -15.65 2.21 -31.57
CA LYS B 31 -16.43 1.88 -30.36
C LYS B 31 -15.53 1.61 -29.16
N VAL B 32 -14.64 2.57 -28.88
CA VAL B 32 -13.82 2.59 -27.65
C VAL B 32 -13.93 3.99 -27.06
N GLN B 33 -14.24 4.05 -25.75
CA GLN B 33 -14.36 5.30 -24.99
C GLN B 33 -13.41 5.24 -23.80
N VAL B 34 -12.82 6.38 -23.47
CA VAL B 34 -11.93 6.49 -22.30
C VAL B 34 -12.61 7.37 -21.25
N VAL B 35 -12.61 6.91 -20.00
CA VAL B 35 -13.24 7.61 -18.89
C VAL B 35 -12.19 7.75 -17.78
N THR B 36 -11.81 8.99 -17.47
CA THR B 36 -10.76 9.25 -16.49
C THR B 36 -11.31 10.03 -15.31
N PHE B 37 -10.87 9.65 -14.13
CA PHE B 37 -11.30 10.28 -12.88
C PHE B 37 -10.12 11.05 -12.32
N MET B 38 -10.26 12.37 -12.25
CA MET B 38 -9.17 13.25 -11.85
C MET B 38 -9.45 13.89 -10.50
N PRO B 39 -8.43 14.53 -9.89
CA PRO B 39 -8.52 14.86 -8.46
C PRO B 39 -9.59 15.88 -8.06
N ASN B 40 -9.85 16.89 -8.87
CA ASN B 40 -10.70 17.98 -8.38
C ASN B 40 -12.06 18.00 -9.07
N GLU B 41 -12.72 16.85 -9.18
CA GLU B 41 -13.97 16.84 -9.92
C GLU B 41 -15.15 17.09 -8.97
N GLY B 42 -16.28 17.49 -9.56
CA GLY B 42 -17.51 17.63 -8.82
C GLY B 42 -18.10 16.27 -8.50
N PRO B 43 -19.10 16.24 -7.60
CA PRO B 43 -19.64 14.95 -7.10
C PRO B 43 -20.26 14.05 -8.17
N ASP B 44 -20.92 14.61 -9.19
CA ASP B 44 -21.64 13.80 -10.18
C ASP B 44 -20.93 13.72 -11.52
N ASP B 45 -19.70 14.22 -11.63
CA ASP B 45 -19.04 14.33 -12.92
C ASP B 45 -18.72 12.94 -13.45
N LEU B 46 -18.27 12.03 -12.58
CA LEU B 46 -17.82 10.74 -13.10
C LEU B 46 -19.00 9.90 -13.59
N TYR B 47 -20.13 9.93 -12.88
CA TYR B 47 -21.33 9.27 -13.35
C TYR B 47 -21.75 9.81 -14.72
N ALA B 48 -21.73 11.14 -14.90
CA ALA B 48 -22.09 11.73 -16.19
C ALA B 48 -21.14 11.28 -17.29
N LYS B 49 -19.84 11.18 -16.98
CA LYS B 49 -18.88 10.74 -17.99
C LYS B 49 -19.17 9.31 -18.44
N PHE B 50 -19.57 8.44 -17.50
CA PHE B 50 -19.92 7.08 -17.88
C PHE B 50 -21.19 7.05 -18.74
N ASN B 51 -22.23 7.79 -18.36
CA ASN B 51 -23.44 7.80 -19.18
C ASN B 51 -23.17 8.39 -20.57
N ASN B 52 -22.32 9.41 -20.67
CA ASN B 52 -22.00 9.99 -21.96
C ASN B 52 -21.25 8.95 -22.83
N ALA B 53 -20.37 8.17 -22.20
CA ALA B 53 -19.61 7.16 -22.93
C ALA B 53 -20.52 6.07 -23.47
N VAL B 54 -21.44 5.56 -22.63
CA VAL B 54 -22.40 4.57 -23.10
C VAL B 54 -23.21 5.13 -24.29
N ALA B 55 -23.59 6.40 -24.21
CA ALA B 55 -24.37 7.04 -25.28
C ALA B 55 -23.57 7.22 -26.57
N ALA B 56 -22.26 6.95 -26.58
CA ALA B 56 -21.49 6.98 -27.82
C ALA B 56 -21.60 5.68 -28.60
N PHE B 57 -22.22 4.65 -28.02
CA PHE B 57 -22.43 3.36 -28.67
C PHE B 57 -23.86 3.28 -29.20
N ASP B 58 -24.12 2.28 -30.06
CA ASP B 58 -25.47 2.03 -30.56
C ASP B 58 -26.31 1.38 -29.46
N ALA B 59 -27.64 1.57 -29.55
CA ALA B 59 -28.54 1.10 -28.48
C ALA B 59 -28.45 -0.41 -28.29
N GLU B 60 -28.17 -1.15 -29.36
CA GLU B 60 -28.11 -2.59 -29.29
C GLU B 60 -26.70 -3.10 -28.99
N ASP B 61 -25.72 -2.21 -28.81
CA ASP B 61 -24.38 -2.66 -28.48
C ASP B 61 -24.32 -3.13 -27.03
N GLU B 62 -23.45 -4.09 -26.76
CA GLU B 62 -23.15 -4.51 -25.39
C GLU B 62 -21.95 -3.71 -24.88
N VAL B 63 -21.84 -3.59 -23.56
CA VAL B 63 -20.83 -2.70 -22.96
C VAL B 63 -19.86 -3.53 -22.12
N LEU B 64 -18.57 -3.37 -22.41
CA LEU B 64 -17.46 -3.98 -21.67
C LEU B 64 -16.62 -2.86 -21.06
N VAL B 65 -16.61 -2.77 -19.72
CA VAL B 65 -15.76 -1.83 -18.98
C VAL B 65 -14.52 -2.58 -18.52
N LEU B 66 -13.35 -2.06 -18.94
CA LEU B 66 -12.07 -2.51 -18.44
C LEU B 66 -11.56 -1.44 -17.47
N ALA B 67 -11.55 -1.77 -16.18
CA ALA B 67 -11.30 -0.83 -15.09
C ALA B 67 -9.98 -1.10 -14.37
N ASP B 68 -9.38 -0.05 -13.82
CA ASP B 68 -8.08 -0.18 -13.15
C ASP B 68 -8.15 -1.13 -11.95
N LEU B 69 -9.15 -0.99 -11.08
CA LEU B 69 -9.18 -1.62 -9.75
C LEU B 69 -10.60 -1.98 -9.38
N TRP B 70 -10.77 -3.05 -8.58
CA TRP B 70 -12.04 -3.33 -7.88
C TRP B 70 -12.15 -2.48 -6.61
N SER B 71 -12.07 -1.17 -6.79
CA SER B 71 -12.24 -0.20 -5.70
C SER B 71 -12.32 1.21 -6.27
N GLY B 72 -12.88 2.10 -5.44
CA GLY B 72 -12.92 3.52 -5.75
C GLY B 72 -14.02 3.90 -6.73
N SER B 73 -13.98 5.18 -7.13
CA SER B 73 -15.14 5.76 -7.80
C SER B 73 -15.34 5.26 -9.21
N PRO B 74 -14.28 5.05 -10.02
CA PRO B 74 -14.54 4.54 -11.39
C PRO B 74 -15.26 3.20 -11.36
N PHE B 75 -14.77 2.25 -10.56
CA PHE B 75 -15.45 0.97 -10.41
C PHE B 75 -16.87 1.14 -9.84
N ASN B 76 -17.04 2.00 -8.82
CA ASN B 76 -18.35 2.13 -8.19
C ASN B 76 -19.38 2.70 -9.17
N GLN B 77 -19.00 3.74 -9.91
CA GLN B 77 -19.93 4.37 -10.84
C GLN B 77 -20.19 3.48 -12.05
N ALA B 78 -19.19 2.74 -12.56
CA ALA B 78 -19.50 1.74 -13.60
C ALA B 78 -20.50 0.73 -13.10
N SER B 79 -20.32 0.25 -11.88
CA SER B 79 -21.26 -0.70 -11.30
C SER B 79 -22.65 -0.09 -11.20
N ARG B 80 -22.72 1.18 -10.79
CA ARG B 80 -24.02 1.85 -10.70
C ARG B 80 -24.71 1.92 -12.05
N VAL B 81 -24.00 2.37 -13.09
CA VAL B 81 -24.59 2.45 -14.42
C VAL B 81 -25.04 1.06 -14.88
N MET B 82 -24.24 0.02 -14.61
CA MET B 82 -24.65 -1.33 -14.97
C MET B 82 -26.00 -1.69 -14.33
N GLY B 83 -26.15 -1.42 -13.03
CA GLY B 83 -27.35 -1.82 -12.32
C GLY B 83 -28.58 -1.02 -12.72
N GLU B 84 -28.37 0.20 -13.21
CA GLU B 84 -29.49 1.04 -13.59
C GLU B 84 -30.06 0.71 -14.94
N ASN B 85 -29.36 -0.14 -15.70
CA ASN B 85 -29.69 -0.41 -17.10
C ASN B 85 -29.75 -1.91 -17.31
N PRO B 86 -30.70 -2.56 -16.65
CA PRO B 86 -30.73 -4.02 -16.61
C PRO B 86 -31.09 -4.65 -17.93
N GLU B 87 -31.65 -3.89 -18.87
CA GLU B 87 -31.98 -4.42 -20.18
C GLU B 87 -30.79 -4.41 -21.13
N ARG B 88 -29.67 -3.80 -20.77
CA ARG B 88 -28.48 -3.83 -21.60
C ARG B 88 -27.46 -4.79 -21.04
N LYS B 89 -26.76 -5.50 -21.94
CA LYS B 89 -25.73 -6.45 -21.54
C LYS B 89 -24.47 -5.68 -21.18
N PHE B 90 -23.95 -5.92 -19.98
CA PHE B 90 -22.85 -5.19 -19.38
C PHE B 90 -21.89 -6.19 -18.74
N ALA B 91 -20.59 -5.88 -18.76
CA ALA B 91 -19.61 -6.62 -17.98
C ALA B 91 -18.51 -5.66 -17.56
N ILE B 92 -17.96 -5.87 -16.35
CA ILE B 92 -16.84 -5.09 -15.84
C ILE B 92 -15.73 -6.08 -15.53
N ILE B 93 -14.52 -5.80 -16.01
CA ILE B 93 -13.33 -6.59 -15.68
C ILE B 93 -12.31 -5.62 -15.07
N THR B 94 -11.83 -5.91 -13.86
CA THR B 94 -10.88 -5.05 -13.17
C THR B 94 -9.45 -5.57 -13.36
N GLY B 95 -8.47 -4.81 -12.86
CA GLY B 95 -7.06 -5.18 -13.04
C GLY B 95 -6.52 -4.95 -14.43
N LEU B 96 -7.14 -4.03 -15.18
CA LEU B 96 -6.69 -3.62 -16.51
C LEU B 96 -5.19 -3.68 -16.73
N ASN B 97 -4.78 -4.40 -17.79
CA ASN B 97 -3.39 -4.43 -18.25
C ASN B 97 -3.38 -4.51 -19.78
N LEU B 98 -2.19 -4.45 -20.37
CA LEU B 98 -2.14 -4.36 -21.83
C LEU B 98 -2.54 -5.69 -22.47
N PRO B 99 -2.16 -6.86 -21.90
CA PRO B 99 -2.73 -8.12 -22.43
C PRO B 99 -4.26 -8.14 -22.49
N MET B 100 -4.90 -7.63 -21.43
CA MET B 100 -6.36 -7.57 -21.38
C MET B 100 -6.91 -6.78 -22.56
N LEU B 101 -6.34 -5.60 -22.81
CA LEU B 101 -6.90 -4.72 -23.83
C LEU B 101 -6.67 -5.29 -25.22
N ILE B 102 -5.47 -5.82 -25.47
CA ILE B 102 -5.19 -6.45 -26.77
C ILE B 102 -6.13 -7.63 -27.00
N GLN B 103 -6.38 -8.41 -25.96
CA GLN B 103 -7.27 -9.56 -26.12
C GLN B 103 -8.71 -9.10 -26.36
N ALA B 104 -9.15 -8.03 -25.69
CA ALA B 104 -10.50 -7.52 -25.98
C ALA B 104 -10.62 -7.10 -27.44
N TYR B 105 -9.62 -6.39 -27.95
CA TYR B 105 -9.68 -6.00 -29.36
C TYR B 105 -9.68 -7.22 -30.27
N THR B 106 -8.87 -8.24 -29.93
CA THR B 106 -8.81 -9.44 -30.79
C THR B 106 -10.15 -10.18 -30.79
N GLU B 107 -10.81 -10.26 -29.62
CA GLU B 107 -12.08 -10.97 -29.54
C GLU B 107 -13.12 -10.35 -30.49
N ARG B 108 -13.09 -9.02 -30.66
CA ARG B 108 -14.07 -8.39 -31.54
C ARG B 108 -13.74 -8.63 -33.00
N LEU B 109 -12.45 -8.83 -33.32
CA LEU B 109 -12.08 -9.19 -34.69
C LEU B 109 -12.51 -10.61 -35.01
N MET B 110 -12.21 -11.56 -34.12
CA MET B 110 -12.52 -12.96 -34.35
C MET B 110 -14.03 -13.21 -34.49
N ASP B 111 -14.88 -12.47 -33.76
CA ASP B 111 -16.34 -12.60 -33.92
C ASP B 111 -17.01 -11.28 -33.53
N ALA B 112 -17.27 -10.43 -34.51
CA ALA B 112 -17.82 -9.11 -34.21
C ALA B 112 -19.23 -9.18 -33.64
N ALA B 113 -19.83 -10.36 -33.64
CA ALA B 113 -21.18 -10.58 -33.19
C ALA B 113 -21.24 -11.14 -31.77
N ALA B 114 -20.12 -11.58 -31.20
CA ALA B 114 -20.11 -12.19 -29.89
C ALA B 114 -20.36 -11.14 -28.82
N GLY B 115 -21.06 -11.54 -27.76
CA GLY B 115 -21.40 -10.64 -26.66
C GLY B 115 -20.39 -10.73 -25.53
N VAL B 116 -20.59 -9.86 -24.51
CA VAL B 116 -19.61 -9.77 -23.42
C VAL B 116 -19.57 -11.07 -22.62
N GLU B 117 -20.71 -11.75 -22.47
CA GLU B 117 -20.69 -12.98 -21.69
C GLU B 117 -19.89 -14.07 -22.38
N LYS B 118 -19.81 -14.02 -23.70
CA LYS B 118 -19.05 -15.02 -24.44
C LYS B 118 -17.54 -14.75 -24.41
N VAL B 119 -17.13 -13.48 -24.54
CA VAL B 119 -15.70 -13.17 -24.69
C VAL B 119 -14.96 -12.98 -23.36
N ALA B 120 -15.66 -12.82 -22.25
CA ALA B 120 -15.01 -12.43 -21.00
C ALA B 120 -13.99 -13.44 -20.50
N ALA B 121 -14.32 -14.74 -20.57
CA ALA B 121 -13.44 -15.74 -19.98
C ALA B 121 -12.05 -15.71 -20.63
N ASN B 122 -11.97 -15.57 -21.94
CA ASN B 122 -10.65 -15.56 -22.56
C ASN B 122 -9.91 -14.24 -22.33
N ILE B 123 -10.64 -13.13 -22.19
CA ILE B 123 -10.01 -11.85 -21.86
C ILE B 123 -9.38 -11.94 -20.46
N ILE B 124 -10.12 -12.50 -19.50
CA ILE B 124 -9.57 -12.71 -18.15
C ILE B 124 -8.37 -13.64 -18.19
N LYS B 125 -8.46 -14.75 -18.94
CA LYS B 125 -7.37 -15.72 -18.96
C LYS B 125 -6.08 -15.12 -19.49
N GLU B 126 -6.15 -14.39 -20.61
CA GLU B 126 -4.93 -13.79 -21.19
C GLU B 126 -4.41 -12.66 -20.32
N ALA B 127 -5.30 -11.90 -19.68
CA ALA B 127 -4.84 -10.87 -18.75
C ALA B 127 -4.01 -11.49 -17.62
N LYS B 128 -4.45 -12.63 -17.08
CA LYS B 128 -3.69 -13.21 -15.98
C LYS B 128 -2.47 -13.97 -16.48
N ASP B 129 -2.59 -14.68 -17.62
CA ASP B 129 -1.47 -15.44 -18.19
C ASP B 129 -0.29 -14.54 -18.52
N GLY B 130 -0.54 -13.28 -18.85
CA GLY B 130 0.50 -12.35 -19.27
C GLY B 130 1.32 -11.79 -18.15
N ILE B 131 0.97 -12.10 -16.90
CA ILE B 131 1.75 -11.71 -15.73
C ILE B 131 2.75 -12.83 -15.42
N LYS B 132 4.01 -12.61 -15.77
CA LYS B 132 5.08 -13.60 -15.69
C LYS B 132 6.34 -12.91 -15.20
N ALA B 133 7.23 -13.68 -14.57
CA ALA B 133 8.46 -13.11 -14.04
C ALA B 133 9.69 -13.72 -14.68
N LEU B 134 10.71 -12.89 -14.81
CA LEU B 134 12.07 -13.32 -15.09
C LEU B 134 12.94 -12.94 -13.90
N PRO B 135 13.82 -13.83 -13.38
CA PRO B 135 14.07 -15.23 -13.79
C PRO B 135 12.88 -16.14 -13.54
N GLU B 136 12.85 -17.23 -14.31
CA GLU B 136 11.69 -18.10 -14.35
C GLU B 136 11.37 -18.70 -12.99
N GLU B 137 12.36 -18.92 -12.12
CA GLU B 137 12.04 -19.55 -10.84
C GLU B 137 11.21 -18.66 -9.91
N LEU B 138 11.02 -17.36 -10.23
CA LEU B 138 10.16 -16.51 -9.40
C LEU B 138 8.69 -16.80 -9.61
N ASN B 139 8.32 -17.51 -10.66
CA ASN B 139 6.91 -17.74 -10.94
C ASN B 139 6.33 -18.74 -9.94
N PRO B 140 5.08 -18.55 -9.53
CA PRO B 140 4.36 -19.41 -8.58
C PRO B 140 3.96 -20.76 -9.19
N MET C 1 22.00 0.57 3.68
CA MET C 1 21.95 -0.68 2.93
C MET C 1 21.13 -0.49 1.66
N GLY C 2 21.16 -1.50 0.78
CA GLY C 2 20.47 -1.39 -0.49
C GLY C 2 18.96 -1.51 -0.35
N SER C 3 18.26 -0.97 -1.35
CA SER C 3 16.82 -1.09 -1.44
C SER C 3 16.44 -1.37 -2.90
N ILE C 4 15.13 -1.42 -3.20
CA ILE C 4 14.67 -1.76 -4.55
C ILE C 4 14.42 -0.49 -5.34
N GLY C 5 15.06 -0.40 -6.52
CA GLY C 5 14.74 0.64 -7.49
C GLY C 5 13.78 0.08 -8.53
N ILE C 6 12.71 0.84 -8.83
CA ILE C 6 11.65 0.38 -9.72
C ILE C 6 11.76 1.10 -11.06
N ILE C 7 11.66 0.33 -12.17
CA ILE C 7 11.56 0.89 -13.51
C ILE C 7 10.21 0.44 -14.07
N ILE C 8 9.40 1.40 -14.52
CA ILE C 8 8.08 1.13 -15.08
C ILE C 8 8.16 1.35 -16.57
N ALA C 9 7.95 0.29 -17.36
CA ALA C 9 8.31 0.31 -18.80
C ALA C 9 7.17 -0.14 -19.69
N SER C 10 6.97 0.55 -20.82
CA SER C 10 5.91 0.17 -21.76
C SER C 10 6.22 0.65 -23.18
N HIS C 11 5.58 -0.02 -24.15
CA HIS C 11 5.20 0.61 -25.41
C HIS C 11 4.28 1.80 -25.12
N GLY C 12 4.53 2.93 -25.78
CA GLY C 12 3.62 4.09 -25.69
C GLY C 12 3.50 4.67 -24.27
N GLU C 13 2.42 5.43 -24.06
CA GLU C 13 2.29 6.32 -22.90
C GLU C 13 1.78 5.62 -21.64
N PHE C 14 1.38 4.34 -21.76
CA PHE C 14 0.91 3.53 -20.64
C PHE C 14 1.72 3.72 -19.34
N ALA C 15 3.04 3.52 -19.41
CA ALA C 15 3.85 3.57 -18.18
C ALA C 15 3.81 4.96 -17.53
N ALA C 16 3.84 6.03 -18.33
CA ALA C 16 3.74 7.37 -17.75
C ALA C 16 2.37 7.57 -17.11
N GLY C 17 1.31 7.08 -17.75
CA GLY C 17 -0.03 7.28 -17.21
C GLY C 17 -0.28 6.53 -15.91
N ILE C 18 0.11 5.26 -15.85
CA ILE C 18 -0.10 4.51 -14.60
C ILE C 18 0.81 5.01 -13.49
N HIS C 19 2.01 5.50 -13.83
CA HIS C 19 2.85 6.13 -12.81
C HIS C 19 2.17 7.38 -12.24
N GLN C 20 1.51 8.19 -13.08
CA GLN C 20 0.79 9.36 -12.55
C GLN C 20 -0.37 8.91 -11.67
N SER C 21 -1.07 7.85 -12.06
CA SER C 21 -2.15 7.33 -11.25
C SER C 21 -1.64 6.89 -9.88
N GLY C 22 -0.50 6.19 -9.85
CA GLY C 22 0.06 5.77 -8.57
C GLY C 22 0.48 6.93 -7.68
N SER C 23 0.96 8.01 -8.30
CA SER C 23 1.35 9.18 -7.52
C SER C 23 0.14 9.88 -6.86
N MET C 24 -1.07 9.70 -7.39
CA MET C 24 -2.25 10.19 -6.69
C MET C 24 -2.38 9.54 -5.30
N ILE C 25 -2.00 8.25 -5.19
CA ILE C 25 -2.02 7.55 -3.91
C ILE C 25 -0.77 7.85 -3.09
N PHE C 26 0.39 7.51 -3.62
CA PHE C 26 1.64 7.45 -2.88
C PHE C 26 2.48 8.71 -2.99
N GLY C 27 1.98 9.74 -3.64
CA GLY C 27 2.85 10.86 -3.80
C GLY C 27 4.10 10.55 -4.60
N GLU C 28 5.05 11.46 -4.51
CA GLU C 28 6.30 11.35 -5.25
C GLU C 28 7.16 10.25 -4.62
N GLN C 29 7.13 9.05 -5.23
CA GLN C 29 7.89 7.88 -4.80
C GLN C 29 9.36 8.01 -5.22
N GLU C 30 10.27 7.69 -4.31
CA GLU C 30 11.71 7.75 -4.56
C GLU C 30 12.23 6.49 -5.28
N LYS C 31 13.32 6.65 -6.04
CA LYS C 31 13.92 5.58 -6.87
C LYS C 31 12.86 4.84 -7.72
N VAL C 32 12.16 5.62 -8.52
CA VAL C 32 11.20 5.13 -9.52
C VAL C 32 11.47 5.87 -10.81
N GLN C 33 11.59 5.14 -11.92
CA GLN C 33 11.83 5.75 -13.23
C GLN C 33 10.92 5.15 -14.30
N VAL C 34 10.19 6.02 -14.97
CA VAL C 34 9.36 5.63 -16.11
C VAL C 34 10.24 5.54 -17.35
N VAL C 35 9.98 4.54 -18.21
CA VAL C 35 10.64 4.39 -19.51
C VAL C 35 9.57 4.03 -20.53
N THR C 36 9.33 4.91 -21.51
CA THR C 36 8.35 4.66 -22.57
C THR C 36 9.06 4.45 -23.91
N PHE C 37 8.32 3.90 -24.87
CA PHE C 37 8.89 3.57 -26.18
C PHE C 37 7.88 4.02 -27.22
N MET C 38 8.20 5.08 -27.95
CA MET C 38 7.27 5.75 -28.86
C MET C 38 7.62 5.45 -30.31
N PRO C 39 6.73 5.80 -31.24
CA PRO C 39 6.95 5.37 -32.64
C PRO C 39 8.28 5.81 -33.24
N ASN C 40 8.81 6.98 -32.89
CA ASN C 40 10.00 7.48 -33.54
C ASN C 40 11.31 7.06 -32.85
N GLU C 41 11.35 5.93 -32.16
CA GLU C 41 12.47 5.62 -31.26
C GLU C 41 13.17 4.36 -31.67
N GLY C 42 14.49 4.36 -31.56
CA GLY C 42 15.28 3.18 -31.81
C GLY C 42 15.52 2.35 -30.55
N PRO C 43 15.62 1.02 -30.70
CA PRO C 43 15.97 0.17 -29.55
C PRO C 43 17.26 0.57 -28.86
N ASP C 44 18.18 1.25 -29.55
CA ASP C 44 19.44 1.65 -28.90
C ASP C 44 19.21 2.79 -27.90
N ASP C 45 18.30 3.72 -28.22
CA ASP C 45 18.03 4.79 -27.26
C ASP C 45 17.20 4.27 -26.10
N LEU C 46 16.38 3.26 -26.35
CA LEU C 46 15.68 2.57 -25.28
C LEU C 46 16.64 1.87 -24.33
N TYR C 47 17.61 1.15 -24.89
CA TYR C 47 18.64 0.49 -24.11
C TYR C 47 19.36 1.47 -23.22
N ALA C 48 19.71 2.62 -23.78
CA ALA C 48 20.43 3.64 -23.04
C ALA C 48 19.58 4.23 -21.90
N LYS C 49 18.25 4.38 -22.09
CA LYS C 49 17.41 4.81 -20.95
C LYS C 49 17.40 3.78 -19.81
N PHE C 50 17.29 2.48 -20.12
CA PHE C 50 17.39 1.46 -19.07
C PHE C 50 18.75 1.50 -18.37
N ASN C 51 19.84 1.56 -19.16
CA ASN C 51 21.18 1.52 -18.57
C ASN C 51 21.40 2.67 -17.61
N ASN C 52 20.97 3.87 -18.01
CA ASN C 52 21.19 5.04 -17.17
C ASN C 52 20.25 5.08 -15.99
N ALA C 53 19.06 4.51 -16.13
CA ALA C 53 18.16 4.41 -14.98
C ALA C 53 18.75 3.52 -13.90
N VAL C 54 19.33 2.37 -14.30
CA VAL C 54 19.98 1.47 -13.34
C VAL C 54 21.17 2.18 -12.69
N ALA C 55 21.95 2.90 -13.48
CA ALA C 55 23.11 3.63 -12.97
C ALA C 55 22.73 4.68 -11.95
N ALA C 56 21.50 5.19 -11.99
CA ALA C 56 21.09 6.24 -11.06
C ALA C 56 20.79 5.70 -9.66
N PHE C 57 20.48 4.42 -9.55
CA PHE C 57 20.33 3.77 -8.27
C PHE C 57 21.70 3.66 -7.59
N ASP C 58 21.69 3.41 -6.28
CA ASP C 58 22.93 3.10 -5.55
C ASP C 58 23.47 1.74 -6.00
N ALA C 59 24.79 1.56 -5.85
CA ALA C 59 25.43 0.34 -6.32
C ALA C 59 24.90 -0.92 -5.64
N GLU C 60 24.47 -0.80 -4.41
CA GLU C 60 23.95 -1.96 -3.69
C GLU C 60 22.42 -2.20 -3.90
N ASP C 61 21.76 -1.32 -4.63
CA ASP C 61 20.32 -1.48 -4.81
C ASP C 61 20.03 -2.66 -5.75
N GLU C 62 18.83 -3.21 -5.62
CA GLU C 62 18.32 -4.20 -6.55
C GLU C 62 17.30 -3.56 -7.49
N VAL C 63 17.08 -4.18 -8.65
CA VAL C 63 16.27 -3.58 -9.71
C VAL C 63 15.02 -4.43 -9.95
N LEU C 64 13.86 -3.78 -9.89
CA LEU C 64 12.59 -4.40 -10.26
C LEU C 64 12.03 -3.66 -11.47
N VAL C 65 11.89 -4.37 -12.60
CA VAL C 65 11.26 -3.80 -13.80
C VAL C 65 9.83 -4.31 -13.88
N LEU C 66 8.90 -3.39 -13.97
CA LEU C 66 7.49 -3.71 -14.17
C LEU C 66 7.14 -3.31 -15.60
N ALA C 67 6.88 -4.32 -16.44
CA ALA C 67 6.80 -4.15 -17.89
C ALA C 67 5.41 -4.51 -18.42
N ASP C 68 5.05 -3.88 -19.55
CA ASP C 68 3.72 -4.04 -20.11
C ASP C 68 3.44 -5.49 -20.54
N LEU C 69 4.39 -6.10 -21.25
CA LEU C 69 4.22 -7.34 -22.01
C LEU C 69 5.48 -8.21 -22.03
N TRP C 70 5.28 -9.52 -22.11
CA TRP C 70 6.35 -10.48 -22.37
C TRP C 70 6.68 -10.50 -23.86
N SER C 71 7.00 -9.32 -24.40
CA SER C 71 7.12 -9.16 -25.85
C SER C 71 7.56 -7.74 -26.20
N GLY C 72 8.39 -7.62 -27.24
CA GLY C 72 8.71 -6.32 -27.80
C GLY C 72 9.94 -5.69 -27.16
N SER C 73 10.27 -4.51 -27.68
CA SER C 73 11.57 -3.91 -27.37
C SER C 73 11.73 -3.48 -25.91
N PRO C 74 10.71 -2.91 -25.25
CA PRO C 74 10.89 -2.61 -23.81
C PRO C 74 11.29 -3.83 -23.01
N PHE C 75 10.53 -4.93 -23.12
CA PHE C 75 10.90 -6.17 -22.44
C PHE C 75 12.25 -6.71 -22.91
N ASN C 76 12.47 -6.75 -24.23
CA ASN C 76 13.73 -7.34 -24.74
C ASN C 76 14.94 -6.55 -24.26
N GLN C 77 14.88 -5.21 -24.30
CA GLN C 77 16.03 -4.42 -23.87
C GLN C 77 16.24 -4.47 -22.34
N ALA C 78 15.16 -4.51 -21.56
CA ALA C 78 15.31 -4.72 -20.11
C ALA C 78 15.95 -6.06 -19.80
N SER C 79 15.53 -7.11 -20.51
CA SER C 79 16.13 -8.43 -20.30
C SER C 79 17.59 -8.43 -20.71
N ARG C 80 17.94 -7.66 -21.74
CA ARG C 80 19.33 -7.51 -22.14
C ARG C 80 20.17 -6.89 -21.03
N VAL C 81 19.67 -5.78 -20.45
CA VAL C 81 20.40 -5.11 -19.38
C VAL C 81 20.56 -6.05 -18.19
N MET C 82 19.50 -6.80 -17.86
CA MET C 82 19.57 -7.76 -16.75
C MET C 82 20.69 -8.77 -16.99
N GLY C 83 20.73 -9.37 -18.18
CA GLY C 83 21.75 -10.36 -18.49
C GLY C 83 23.15 -9.78 -18.52
N GLU C 84 23.27 -8.49 -18.84
CA GLU C 84 24.58 -7.83 -18.88
C GLU C 84 25.10 -7.43 -17.50
N ASN C 85 24.31 -7.57 -16.44
CA ASN C 85 24.70 -7.15 -15.10
C ASN C 85 24.44 -8.27 -14.09
N PRO C 86 25.03 -9.44 -14.32
CA PRO C 86 24.71 -10.61 -13.47
C PRO C 86 25.11 -10.45 -12.01
N GLU C 87 25.98 -9.49 -11.68
CA GLU C 87 26.33 -9.16 -10.30
C GLU C 87 25.23 -8.41 -9.55
N ARG C 88 24.18 -7.97 -10.24
CA ARG C 88 23.13 -7.20 -9.58
C ARG C 88 21.86 -8.04 -9.52
N LYS C 89 21.16 -7.98 -8.40
CA LYS C 89 19.87 -8.64 -8.28
C LYS C 89 18.83 -7.89 -9.11
N PHE C 90 18.10 -8.63 -9.93
CA PHE C 90 17.25 -8.09 -11.00
C PHE C 90 16.01 -8.98 -11.08
N ALA C 91 14.84 -8.38 -11.25
CA ALA C 91 13.66 -9.15 -11.63
C ALA C 91 12.81 -8.33 -12.59
N ILE C 92 12.13 -9.01 -13.50
CA ILE C 92 11.22 -8.38 -14.47
C ILE C 92 9.88 -9.06 -14.33
N ILE C 93 8.81 -8.27 -14.16
CA ILE C 93 7.45 -8.82 -14.10
C ILE C 93 6.66 -8.13 -15.18
N THR C 94 6.04 -8.92 -16.07
CA THR C 94 5.23 -8.41 -17.15
C THR C 94 3.75 -8.39 -16.77
N GLY C 95 2.96 -7.81 -17.65
CA GLY C 95 1.53 -7.71 -17.42
C GLY C 95 1.16 -6.63 -16.43
N LEU C 96 2.00 -5.63 -16.28
CA LEU C 96 1.83 -4.45 -15.43
C LEU C 96 0.38 -4.00 -15.33
N ASN C 97 -0.13 -3.88 -14.09
CA ASN C 97 -1.46 -3.33 -13.82
C ASN C 97 -1.38 -2.56 -12.49
N LEU C 98 -2.49 -1.90 -12.09
CA LEU C 98 -2.40 -0.99 -10.93
C LEU C 98 -2.26 -1.79 -9.63
N PRO C 99 -2.95 -2.92 -9.45
CA PRO C 99 -2.64 -3.75 -8.27
C PRO C 99 -1.18 -4.13 -8.16
N MET C 100 -0.53 -4.46 -9.28
CA MET C 100 0.90 -4.79 -9.25
C MET C 100 1.71 -3.64 -8.71
N LEU C 101 1.45 -2.43 -9.24
CA LEU C 101 2.23 -1.26 -8.85
C LEU C 101 1.99 -0.90 -7.38
N ILE C 102 0.73 -0.95 -6.92
CA ILE C 102 0.44 -0.69 -5.51
C ILE C 102 1.19 -1.67 -4.61
N GLN C 103 1.14 -2.95 -4.94
CA GLN C 103 1.83 -3.93 -4.09
C GLN C 103 3.35 -3.74 -4.12
N ALA C 104 3.93 -3.40 -5.28
CA ALA C 104 5.37 -3.15 -5.32
C ALA C 104 5.75 -2.02 -4.36
N TYR C 105 4.99 -0.92 -4.39
CA TYR C 105 5.26 0.20 -3.48
C TYR C 105 5.07 -0.21 -2.01
N THR C 106 4.02 -0.95 -1.71
CA THR C 106 3.79 -1.40 -0.33
C THR C 106 4.94 -2.26 0.18
N GLU C 107 5.41 -3.21 -0.62
CA GLU C 107 6.52 -4.08 -0.18
C GLU C 107 7.73 -3.25 0.23
N ARG C 108 8.06 -2.22 -0.54
CA ARG C 108 9.21 -1.37 -0.22
C ARG C 108 9.01 -0.63 1.10
N LEU C 109 7.77 -0.24 1.42
CA LEU C 109 7.48 0.47 2.66
C LEU C 109 7.53 -0.47 3.86
N MET C 110 7.14 -1.73 3.71
CA MET C 110 7.12 -2.69 4.81
C MET C 110 8.52 -3.12 5.22
N ASP C 111 9.39 -3.31 4.24
CA ASP C 111 10.74 -3.84 4.51
C ASP C 111 11.66 -3.39 3.37
N ALA C 112 12.33 -2.25 3.59
CA ALA C 112 13.23 -1.72 2.58
C ALA C 112 14.41 -2.63 2.33
N ALA C 113 14.67 -3.59 3.21
CA ALA C 113 15.77 -4.52 3.01
C ALA C 113 15.39 -5.79 2.28
N ALA C 114 14.10 -6.04 2.01
CA ALA C 114 13.69 -7.23 1.29
C ALA C 114 14.09 -7.12 -0.18
N GLY C 115 14.66 -8.19 -0.73
CA GLY C 115 15.15 -8.18 -2.09
C GLY C 115 14.06 -8.50 -3.10
N VAL C 116 14.38 -8.31 -4.39
CA VAL C 116 13.36 -8.53 -5.43
C VAL C 116 12.96 -10.00 -5.48
N GLU C 117 13.89 -10.92 -5.17
CA GLU C 117 13.52 -12.33 -5.17
C GLU C 117 12.59 -12.69 -4.02
N LYS C 118 12.53 -11.90 -2.95
CA LYS C 118 11.59 -12.18 -1.87
C LYS C 118 10.22 -11.57 -2.11
N VAL C 119 10.16 -10.34 -2.64
CA VAL C 119 8.89 -9.64 -2.78
C VAL C 119 8.12 -10.01 -4.04
N ALA C 120 8.77 -10.69 -5.00
CA ALA C 120 8.12 -10.95 -6.29
C ALA C 120 6.85 -11.76 -6.13
N ALA C 121 6.84 -12.75 -5.24
CA ALA C 121 5.69 -13.65 -5.13
C ALA C 121 4.40 -12.90 -4.77
N ASN C 122 4.48 -12.03 -3.76
CA ASN C 122 3.30 -11.25 -3.36
C ASN C 122 2.86 -10.29 -4.46
N ILE C 123 3.82 -9.64 -5.14
CA ILE C 123 3.51 -8.70 -6.21
C ILE C 123 2.74 -9.40 -7.34
N ILE C 124 3.23 -10.56 -7.77
CA ILE C 124 2.54 -11.34 -8.80
C ILE C 124 1.15 -11.75 -8.32
N LYS C 125 1.04 -12.21 -7.07
CA LYS C 125 -0.24 -12.68 -6.56
C LYS C 125 -1.31 -11.58 -6.59
N GLU C 126 -0.96 -10.38 -6.07
CA GLU C 126 -1.95 -9.31 -6.06
C GLU C 126 -2.30 -8.87 -7.47
N ALA C 127 -1.32 -8.85 -8.38
CA ALA C 127 -1.58 -8.46 -9.77
C ALA C 127 -2.59 -9.40 -10.42
N LYS C 128 -2.40 -10.71 -10.26
CA LYS C 128 -3.35 -11.69 -10.80
C LYS C 128 -4.68 -11.65 -10.06
N ASP C 129 -4.66 -11.59 -8.73
CA ASP C 129 -5.90 -11.59 -7.94
C ASP C 129 -6.78 -10.38 -8.24
N GLY C 130 -6.17 -9.25 -8.59
CA GLY C 130 -6.88 -8.02 -8.93
C GLY C 130 -7.73 -8.08 -10.19
N ILE C 131 -7.57 -9.12 -10.99
CA ILE C 131 -8.29 -9.29 -12.25
C ILE C 131 -9.51 -10.17 -11.98
N LYS C 132 -10.71 -9.57 -11.96
CA LYS C 132 -11.93 -10.35 -11.82
C LYS C 132 -13.10 -9.58 -12.42
N ALA C 133 -14.22 -10.28 -12.54
CA ALA C 133 -15.31 -9.80 -13.36
C ALA C 133 -16.60 -9.61 -12.55
N LEU C 134 -17.41 -8.69 -13.06
CA LEU C 134 -18.78 -8.54 -12.61
C LEU C 134 -19.62 -8.59 -13.88
N PRO C 135 -20.71 -9.39 -13.92
CA PRO C 135 -21.22 -10.23 -12.84
C PRO C 135 -20.33 -11.46 -12.55
N GLU C 136 -20.42 -11.95 -11.31
CA GLU C 136 -19.47 -12.95 -10.82
C GLU C 136 -19.52 -14.24 -11.63
N GLU C 137 -20.66 -14.54 -12.27
CA GLU C 137 -20.76 -15.73 -13.12
C GLU C 137 -19.69 -15.73 -14.22
N LEU C 138 -19.19 -14.56 -14.60
CA LEU C 138 -18.25 -14.49 -15.72
C LEU C 138 -16.86 -15.01 -15.36
N ASN C 139 -16.55 -15.12 -14.09
CA ASN C 139 -15.25 -15.60 -13.64
C ASN C 139 -15.13 -17.12 -13.83
N PRO C 140 -13.92 -17.60 -14.17
CA PRO C 140 -13.63 -19.00 -14.53
C PRO C 140 -13.88 -20.02 -13.43
N MET D 1 29.38 1.02 32.06
CA MET D 1 28.33 1.39 33.08
C MET D 1 26.99 1.84 32.50
N GLY D 2 25.89 1.26 32.99
CA GLY D 2 24.70 2.06 33.13
C GLY D 2 23.37 1.74 32.47
N SER D 3 22.88 2.77 31.79
CA SER D 3 21.48 2.96 31.48
C SER D 3 21.26 2.87 29.97
N ILE D 4 20.00 3.06 29.58
CA ILE D 4 19.57 2.98 28.19
C ILE D 4 18.76 4.22 27.90
N GLY D 5 19.17 4.99 26.89
CA GLY D 5 18.37 6.09 26.38
C GLY D 5 17.47 5.61 25.25
N ILE D 6 16.21 6.04 25.27
CA ILE D 6 15.23 5.62 24.27
C ILE D 6 14.93 6.79 23.35
N ILE D 7 14.96 6.54 22.04
CA ILE D 7 14.55 7.52 21.04
C ILE D 7 13.33 6.96 20.32
N ILE D 8 12.20 7.67 20.39
CA ILE D 8 10.98 7.31 19.67
C ILE D 8 10.97 8.13 18.38
N ALA D 9 10.89 7.47 17.21
CA ALA D 9 11.09 8.13 15.92
C ALA D 9 10.04 7.76 14.90
N SER D 10 9.56 8.77 14.15
CA SER D 10 8.49 8.52 13.19
C SER D 10 8.44 9.59 12.08
N HIS D 11 7.83 9.19 10.96
CA HIS D 11 7.17 10.16 10.09
C HIS D 11 6.07 10.86 10.88
N GLY D 12 6.02 12.21 10.79
CA GLY D 12 4.92 12.94 11.42
C GLY D 12 4.94 12.88 12.94
N GLU D 13 3.82 13.29 13.54
CA GLU D 13 3.71 13.45 14.98
C GLU D 13 3.41 12.14 15.72
N PHE D 14 3.33 11.02 15.02
CA PHE D 14 3.17 9.71 15.66
C PHE D 14 4.02 9.57 16.94
N ALA D 15 5.34 9.81 16.83
CA ALA D 15 6.23 9.54 17.97
C ALA D 15 5.87 10.38 19.18
N ALA D 16 5.51 11.65 18.96
CA ALA D 16 5.06 12.51 20.05
C ALA D 16 3.75 12.01 20.66
N GLY D 17 2.79 11.60 19.81
CA GLY D 17 1.50 11.16 20.33
C GLY D 17 1.60 9.88 21.15
N ILE D 18 2.42 8.92 20.70
CA ILE D 18 2.52 7.68 21.46
C ILE D 18 3.37 7.91 22.70
N HIS D 19 4.29 8.88 22.67
CA HIS D 19 4.97 9.26 23.90
C HIS D 19 3.95 9.73 24.94
N GLN D 20 2.93 10.50 24.51
CA GLN D 20 1.83 10.85 25.41
C GLN D 20 1.05 9.62 25.90
N SER D 21 0.65 8.71 24.99
CA SER D 21 0.02 7.47 25.41
C SER D 21 0.81 6.82 26.55
N GLY D 22 2.13 6.71 26.36
CA GLY D 22 2.97 6.08 27.37
C GLY D 22 2.97 6.82 28.68
N SER D 23 2.92 8.15 28.65
CA SER D 23 2.96 8.87 29.93
C SER D 23 1.63 8.77 30.67
N MET D 24 0.52 8.54 29.96
CA MET D 24 -0.76 8.32 30.60
C MET D 24 -0.82 6.93 31.26
N ILE D 25 -0.33 5.91 30.55
CA ILE D 25 -0.47 4.51 30.97
C ILE D 25 0.62 4.14 31.98
N PHE D 26 1.82 4.67 31.76
CA PHE D 26 3.02 4.30 32.50
C PHE D 26 3.54 5.42 33.41
N GLY D 27 3.21 6.67 33.11
CA GLY D 27 3.74 7.79 33.87
C GLY D 27 5.04 8.32 33.28
N GLU D 28 5.47 9.48 33.80
CA GLU D 28 6.65 10.14 33.26
C GLU D 28 7.87 9.22 33.30
N GLN D 29 8.84 9.48 32.40
CA GLN D 29 10.02 8.65 32.20
C GLN D 29 11.22 9.54 31.87
N GLU D 30 12.39 9.18 32.41
CA GLU D 30 13.65 9.85 32.11
C GLU D 30 14.29 9.27 30.86
N LYS D 31 15.20 10.05 30.26
CA LYS D 31 16.02 9.59 29.15
C LYS D 31 15.15 9.02 28.03
N VAL D 32 14.14 9.78 27.64
CA VAL D 32 13.36 9.48 26.46
C VAL D 32 13.38 10.72 25.59
N GLN D 33 13.77 10.55 24.33
CA GLN D 33 13.79 11.58 23.30
C GLN D 33 12.81 11.25 22.19
N VAL D 34 12.14 12.28 21.65
CA VAL D 34 11.16 12.15 20.57
C VAL D 34 11.72 12.82 19.32
N VAL D 35 11.75 12.08 18.21
CA VAL D 35 12.23 12.60 16.91
C VAL D 35 11.10 12.47 15.90
N THR D 36 10.52 13.59 15.50
CA THR D 36 9.48 13.61 14.48
C THR D 36 10.07 14.15 13.17
N PHE D 37 9.51 13.68 12.06
CA PHE D 37 9.95 14.07 10.73
C PHE D 37 8.77 14.73 10.03
N MET D 38 8.81 16.04 9.88
CA MET D 38 7.66 16.79 9.40
C MET D 38 7.80 17.14 7.93
N PRO D 39 6.70 17.53 7.29
CA PRO D 39 6.71 17.71 5.83
C PRO D 39 7.67 18.80 5.35
N ASN D 40 7.92 19.85 6.13
CA ASN D 40 8.83 20.91 5.73
C ASN D 40 10.29 20.60 6.05
N GLU D 41 10.69 19.31 6.08
CA GLU D 41 12.00 18.89 6.55
C GLU D 41 12.67 17.94 5.56
N GLY D 42 14.00 17.92 5.59
CA GLY D 42 14.78 17.03 4.78
C GLY D 42 15.65 16.09 5.59
N PRO D 43 16.37 15.19 4.92
CA PRO D 43 17.17 14.20 5.65
C PRO D 43 18.23 14.79 6.54
N ASP D 44 18.78 15.95 6.18
CA ASP D 44 19.84 16.50 7.01
C ASP D 44 19.28 17.17 8.26
N ASP D 45 18.07 17.74 8.20
CA ASP D 45 17.41 18.17 9.43
C ASP D 45 17.20 16.98 10.36
N LEU D 46 16.83 15.83 9.81
CA LEU D 46 16.59 14.65 10.64
C LEU D 46 17.87 14.09 11.23
N TYR D 47 18.93 14.02 10.43
CA TYR D 47 20.27 13.67 10.93
C TYR D 47 20.65 14.51 12.15
N ALA D 48 20.39 15.83 12.10
CA ALA D 48 20.72 16.69 13.24
C ALA D 48 19.89 16.34 14.46
N LYS D 49 18.59 16.10 14.28
CA LYS D 49 17.73 15.72 15.39
C LYS D 49 18.22 14.45 16.08
N PHE D 50 18.67 13.46 15.29
CA PHE D 50 19.14 12.23 15.91
C PHE D 50 20.44 12.46 16.70
N ASN D 51 21.39 13.18 16.11
CA ASN D 51 22.63 13.47 16.84
C ASN D 51 22.35 14.27 18.11
N ASN D 52 21.42 15.22 18.03
CA ASN D 52 21.05 15.98 19.21
C ASN D 52 20.34 15.12 20.27
N ALA D 53 19.55 14.13 19.84
CA ALA D 53 18.92 13.21 20.78
C ALA D 53 19.95 12.33 21.50
N VAL D 54 20.90 11.77 20.75
CA VAL D 54 21.94 10.93 21.35
C VAL D 54 22.79 11.74 22.33
N ALA D 55 23.09 13.01 21.99
CA ALA D 55 23.93 13.83 22.87
C ALA D 55 23.22 14.23 24.16
N ALA D 56 21.89 14.11 24.21
CA ALA D 56 21.14 14.39 25.43
C ALA D 56 21.28 13.28 26.48
N PHE D 57 21.74 12.11 26.10
CA PHE D 57 21.99 11.05 27.05
C PHE D 57 23.43 11.17 27.57
N ASP D 58 23.73 10.44 28.64
CA ASP D 58 25.10 10.40 29.13
C ASP D 58 25.96 9.57 28.18
N ALA D 59 27.26 9.89 28.13
CA ALA D 59 28.13 9.23 27.16
C ALA D 59 28.17 7.72 27.35
N GLU D 60 27.90 7.22 28.56
CA GLU D 60 27.98 5.80 28.81
C GLU D 60 26.69 5.04 28.43
N ASP D 61 25.57 5.75 28.30
CA ASP D 61 24.28 5.11 28.01
C ASP D 61 24.29 4.41 26.65
N GLU D 62 23.68 3.21 26.60
CA GLU D 62 23.36 2.55 25.33
C GLU D 62 22.05 3.11 24.77
N VAL D 63 21.82 2.95 23.47
CA VAL D 63 20.74 3.66 22.78
C VAL D 63 19.78 2.67 22.14
N LEU D 64 18.48 2.85 22.41
CA LEU D 64 17.41 2.04 21.82
C LEU D 64 16.52 2.96 21.00
N VAL D 65 16.48 2.73 19.69
CA VAL D 65 15.58 3.48 18.80
C VAL D 65 14.37 2.61 18.51
N LEU D 66 13.19 3.15 18.80
CA LEU D 66 11.92 2.52 18.47
C LEU D 66 11.35 3.31 17.29
N ALA D 67 11.35 2.72 16.11
CA ALA D 67 11.02 3.45 14.88
C ALA D 67 9.71 2.97 14.28
N ASP D 68 9.03 3.88 13.58
CA ASP D 68 7.72 3.55 13.01
C ASP D 68 7.79 2.38 12.02
N LEU D 69 8.80 2.34 11.15
CA LEU D 69 8.79 1.52 9.95
C LEU D 69 10.21 1.26 9.47
N TRP D 70 10.45 0.06 8.91
CA TRP D 70 11.73 -0.26 8.27
C TRP D 70 11.75 0.27 6.82
N SER D 71 11.65 1.58 6.69
CA SER D 71 11.78 2.31 5.43
C SER D 71 11.68 3.80 5.73
N GLY D 72 12.19 4.62 4.79
CA GLY D 72 12.02 6.06 4.90
C GLY D 72 13.14 6.75 5.68
N SER D 73 13.03 8.06 5.74
CA SER D 73 14.14 8.85 6.28
C SER D 73 14.35 8.63 7.78
N PRO D 74 13.30 8.56 8.62
CA PRO D 74 13.57 8.34 10.06
C PRO D 74 14.42 7.09 10.32
N PHE D 75 14.01 5.94 9.77
CA PHE D 75 14.81 4.71 9.88
C PHE D 75 16.21 4.85 9.25
N ASN D 76 16.30 5.43 8.04
CA ASN D 76 17.60 5.48 7.38
C ASN D 76 18.59 6.35 8.16
N GLN D 77 18.13 7.48 8.69
CA GLN D 77 19.03 8.37 9.44
C GLN D 77 19.36 7.78 10.81
N ALA D 78 18.44 7.06 11.44
CA ALA D 78 18.79 6.36 12.68
C ALA D 78 19.89 5.33 12.42
N SER D 79 19.77 4.58 11.31
CA SER D 79 20.79 3.58 10.96
C SER D 79 22.12 4.23 10.63
N ARG D 80 22.09 5.38 9.98
CA ARG D 80 23.31 6.14 9.71
C ARG D 80 24.00 6.56 11.01
N VAL D 81 23.25 7.18 11.93
CA VAL D 81 23.84 7.62 13.19
C VAL D 81 24.38 6.42 13.98
N MET D 82 23.64 5.31 14.01
CA MET D 82 24.15 4.06 14.60
C MET D 82 25.49 3.66 14.01
N GLY D 83 25.60 3.64 12.68
CA GLY D 83 26.83 3.22 12.05
C GLY D 83 27.98 4.19 12.20
N GLU D 84 27.68 5.46 12.46
CA GLU D 84 28.73 6.45 12.67
C GLU D 84 29.26 6.43 14.10
N ASN D 85 28.70 5.62 15.01
CA ASN D 85 29.06 5.63 16.43
C ASN D 85 29.33 4.20 16.89
N PRO D 86 30.27 3.51 16.24
CA PRO D 86 30.50 2.09 16.53
C PRO D 86 31.03 1.80 17.93
N GLU D 87 31.49 2.80 18.68
CA GLU D 87 31.92 2.61 20.06
C GLU D 87 30.76 2.65 21.05
N ARG D 88 29.53 2.76 20.55
CA ARG D 88 28.33 2.87 21.37
C ARG D 88 27.37 1.78 20.95
N LYS D 89 26.85 1.04 21.94
CA LYS D 89 25.89 -0.02 21.65
C LYS D 89 24.54 0.58 21.28
N PHE D 90 23.97 0.12 20.15
CA PHE D 90 22.72 0.58 19.58
C PHE D 90 21.83 -0.61 19.26
N ALA D 91 20.52 -0.42 19.38
CA ALA D 91 19.57 -1.30 18.73
C ALA D 91 18.45 -0.45 18.13
N ILE D 92 17.96 -0.86 16.97
CA ILE D 92 16.80 -0.23 16.34
C ILE D 92 15.71 -1.28 16.20
N ILE D 93 14.51 -0.98 16.70
CA ILE D 93 13.35 -1.87 16.52
C ILE D 93 12.29 -1.12 15.74
N THR D 94 11.81 -1.73 14.64
CA THR D 94 10.80 -1.14 13.78
C THR D 94 9.41 -1.67 14.14
N GLY D 95 8.39 -1.00 13.62
CA GLY D 95 7.02 -1.41 13.90
C GLY D 95 6.47 -0.93 15.22
N LEU D 96 7.01 0.17 15.75
CA LEU D 96 6.57 0.87 16.95
C LEU D 96 5.09 0.77 17.25
N ASN D 97 4.74 0.19 18.40
CA ASN D 97 3.37 0.18 18.91
C ASN D 97 3.39 0.36 20.44
N LEU D 98 2.20 0.44 21.05
CA LEU D 98 2.17 0.78 22.46
C LEU D 98 2.64 -0.37 23.33
N PRO D 99 2.27 -1.62 23.04
CA PRO D 99 2.92 -2.73 23.79
C PRO D 99 4.45 -2.69 23.74
N MET D 100 5.03 -2.34 22.59
CA MET D 100 6.49 -2.21 22.49
C MET D 100 7.03 -1.17 23.46
N LEU D 101 6.36 -0.02 23.53
CA LEU D 101 6.85 1.07 24.36
C LEU D 101 6.74 0.70 25.85
N ILE D 102 5.57 0.16 26.24
CA ILE D 102 5.41 -0.33 27.60
C ILE D 102 6.50 -1.34 27.95
N GLN D 103 6.74 -2.33 27.08
CA GLN D 103 7.75 -3.32 27.39
C GLN D 103 9.15 -2.72 27.45
N ALA D 104 9.41 -1.69 26.63
CA ALA D 104 10.73 -1.06 26.67
C ALA D 104 10.96 -0.38 28.01
N TYR D 105 9.94 0.33 28.51
CA TYR D 105 10.06 0.96 29.82
C TYR D 105 10.24 -0.08 30.91
N THR D 106 9.51 -1.20 30.83
CA THR D 106 9.63 -2.27 31.83
C THR D 106 11.00 -2.94 31.79
N GLU D 107 11.49 -3.27 30.59
CA GLU D 107 12.83 -3.88 30.47
C GLU D 107 13.91 -2.97 31.03
N ARG D 108 13.77 -1.66 30.85
CA ARG D 108 14.73 -0.74 31.46
C ARG D 108 14.70 -0.85 32.97
N LEU D 109 13.50 -0.81 33.58
CA LEU D 109 13.41 -0.95 35.04
C LEU D 109 14.03 -2.26 35.49
N MET D 110 13.77 -3.33 34.75
CA MET D 110 14.08 -4.69 35.18
C MET D 110 15.55 -5.07 34.99
N ASP D 111 16.19 -4.59 33.93
CA ASP D 111 17.35 -5.29 33.40
C ASP D 111 18.19 -4.38 32.51
N ALA D 112 18.14 -3.06 32.74
CA ALA D 112 18.89 -2.12 31.90
C ALA D 112 20.38 -2.44 31.86
N ALA D 113 20.96 -2.97 32.94
CA ALA D 113 22.41 -3.20 32.91
C ALA D 113 22.83 -4.38 32.02
N ALA D 114 21.89 -5.18 31.52
CA ALA D 114 22.22 -6.23 30.55
C ALA D 114 22.49 -5.72 29.14
N GLY D 115 22.11 -4.49 28.81
CA GLY D 115 22.43 -3.93 27.51
C GLY D 115 21.24 -3.93 26.56
N VAL D 116 21.28 -3.04 25.55
CA VAL D 116 20.15 -2.93 24.62
C VAL D 116 20.02 -4.18 23.79
N GLU D 117 21.13 -4.84 23.46
CA GLU D 117 21.03 -6.04 22.64
C GLU D 117 20.35 -7.19 23.37
N LYS D 118 20.53 -7.29 24.69
CA LYS D 118 19.84 -8.34 25.43
C LYS D 118 18.34 -8.02 25.58
N VAL D 119 18.00 -6.80 25.96
CA VAL D 119 16.59 -6.52 26.25
C VAL D 119 15.71 -6.44 25.00
N ALA D 120 16.32 -6.36 23.81
CA ALA D 120 15.52 -6.18 22.60
C ALA D 120 14.62 -7.39 22.32
N ALA D 121 15.11 -8.60 22.57
CA ALA D 121 14.37 -9.80 22.17
C ALA D 121 12.98 -9.83 22.79
N ASN D 122 12.87 -9.48 24.07
CA ASN D 122 11.56 -9.55 24.72
C ASN D 122 10.71 -8.33 24.41
N ILE D 123 11.32 -7.18 24.13
CA ILE D 123 10.55 -6.05 23.62
C ILE D 123 9.87 -6.43 22.29
N ILE D 124 10.60 -7.12 21.41
CA ILE D 124 10.04 -7.55 20.14
C ILE D 124 8.87 -8.51 20.37
N LYS D 125 9.06 -9.48 21.26
CA LYS D 125 8.04 -10.50 21.50
C LYS D 125 6.74 -9.89 22.00
N GLU D 126 6.83 -8.99 22.98
CA GLU D 126 5.60 -8.39 23.51
C GLU D 126 4.94 -7.47 22.50
N ALA D 127 5.74 -6.76 21.68
CA ALA D 127 5.16 -5.91 20.65
C ALA D 127 4.31 -6.74 19.70
N LYS D 128 4.82 -7.90 19.29
CA LYS D 128 4.09 -8.79 18.38
C LYS D 128 2.92 -9.45 19.08
N ASP D 129 3.13 -9.95 20.31
CA ASP D 129 2.06 -10.60 21.06
C ASP D 129 0.89 -9.66 21.34
N GLY D 130 1.12 -8.35 21.39
CA GLY D 130 0.04 -7.44 21.67
C GLY D 130 -0.85 -7.11 20.48
N ILE D 131 -0.56 -7.72 19.33
CA ILE D 131 -1.39 -7.58 18.12
C ILE D 131 -2.38 -8.76 18.12
N LYS D 132 -3.62 -8.47 18.50
CA LYS D 132 -4.67 -9.47 18.72
C LYS D 132 -5.97 -8.93 18.13
N ALA D 133 -6.91 -9.83 17.83
CA ALA D 133 -8.14 -9.40 17.18
C ALA D 133 -9.39 -9.87 17.92
N LEU D 134 -10.44 -9.09 17.76
CA LEU D 134 -11.79 -9.45 18.15
C LEU D 134 -12.66 -9.34 16.91
N PRO D 135 -13.48 -10.36 16.58
CA PRO D 135 -13.67 -11.61 17.32
C PRO D 135 -12.47 -12.55 17.29
N GLU D 136 -12.43 -13.44 18.29
CA GLU D 136 -11.24 -14.24 18.53
C GLU D 136 -10.91 -15.14 17.33
N GLU D 137 -11.89 -15.57 16.56
CA GLU D 137 -11.57 -16.46 15.45
C GLU D 137 -10.75 -15.78 14.37
N LEU D 138 -10.61 -14.46 14.36
CA LEU D 138 -9.79 -13.80 13.35
C LEU D 138 -8.29 -13.96 13.60
N ASN D 139 -7.88 -14.39 14.79
CA ASN D 139 -6.46 -14.58 15.07
C ASN D 139 -5.90 -15.81 14.35
N PRO D 140 -4.62 -15.76 13.96
CA PRO D 140 -3.87 -16.90 13.42
C PRO D 140 -3.83 -18.09 14.38
#